data_2N4M
#
_entry.id   2N4M
#
loop_
_entity.id
_entity.type
_entity.pdbx_description
1 polymer "DNA (5'-D(*GP*TP*GP*CP*(4E9)P*TP*GP*TP*TP*TP*GP*T)-3')"
2 polymer "DNA (5'-D(*AP*CP*AP*AP*AP*CP*AP*CP*GP*CP*AP*C)-3')"
#
loop_
_entity_poly.entity_id
_entity_poly.type
_entity_poly.pdbx_seq_one_letter_code
_entity_poly.pdbx_strand_id
1 'polydeoxyribonucleotide' (DG)(DT)(DG)(DC)(4E9)(DT)(DG)(DT)(DT)(DT)(DG)(DT) A
2 'polydeoxyribonucleotide' (DA)(DC)(DA)(DA)(DA)(DC)(DA)(DC)(DG)(DC)(DA)(DC) B
#
loop_
_chem_comp.id
_chem_comp.type
_chem_comp.name
_chem_comp.formula
4E9 DNA linking '2'-deoxy-8-[(7-oxo-7H-benzo[de]anthracen-3-yl)amino]guanosine 5'-(dihydrogen phosphate)' 'C27 H23 N6 O8 P'
DA DNA linking 2'-DEOXYADENOSINE-5'-MONOPHOSPHATE 'C10 H14 N5 O6 P'
DC DNA linking 2'-DEOXYCYTIDINE-5'-MONOPHOSPHATE 'C9 H14 N3 O7 P'
DG DNA linking 2'-DEOXYGUANOSINE-5'-MONOPHOSPHATE 'C10 H14 N5 O7 P'
DT DNA linking THYMIDINE-5'-MONOPHOSPHATE 'C10 H15 N2 O8 P'
#
# COMPACT_ATOMS: atom_id res chain seq x y z
O5' 4E9 A 5 3.71 3.05 3.54
C5' 4E9 A 5 4.07 1.69 3.35
C4' 4E9 A 5 3.97 1.26 1.88
O4' 4E9 A 5 2.61 1.26 1.46
C1' 4E9 A 5 2.53 1.83 0.18
N9 4E9 A 5 1.12 2.24 -0.10
C4 4E9 A 5 0.52 3.47 0.10
N3 4E9 A 5 1.09 4.58 0.65
C2 4E9 A 5 0.22 5.56 0.90
N1 4E9 A 5 -1.09 5.53 0.57
C6 4E9 A 5 -1.69 4.46 -0.05
C5 4E9 A 5 -0.80 3.34 -0.26
N7 4E9 A 5 -1.04 2.05 -0.73
C8 4E9 A 5 0.09 1.45 -0.56
C2' 4E9 A 5 3.64 2.88 0.18
C3' 4E9 A 5 4.76 2.18 0.92
O3' 4E9 A 5 5.57 1.49 -0.03
P 4E9 A 5 3.42 3.67 5.01
OP1 4E9 A 5 4.32 3.03 5.99
OP2 4E9 A 5 3.41 5.15 4.89
O6 4E9 A 5 -2.89 4.57 -0.32
N24 4E9 A 5 0.65 6.58 1.59
N8 4E9 A 5 0.25 0.09 -0.75
C10 4E9 A 5 -0.71 -0.80 -1.12
C11 4E9 A 5 -0.77 -2.11 -0.51
C12 4E9 A 5 0.14 -2.51 0.49
C13 4E9 A 5 0.06 -3.78 1.06
C14 4E9 A 5 -0.92 -4.69 0.64
C15 4E9 A 5 -1.86 -4.35 -0.35
C16 4E9 A 5 -2.80 -5.25 -0.73
O27 4E9 A 5 -2.82 -6.35 -0.19
C17 4E9 A 5 -3.72 -4.95 -1.68
C18 4E9 A 5 -4.68 -5.92 -2.05
C19 4E9 A 5 -5.65 -5.67 -3.02
C20 4E9 A 5 -5.66 -4.42 -3.67
C21 4E9 A 5 -4.72 -3.44 -3.33
C22 4E9 A 5 -3.73 -3.66 -2.34
C23 4E9 A 5 -2.73 -2.69 -1.96
C24 4E9 A 5 -2.63 -1.40 -2.51
C26 4E9 A 5 -1.79 -3.04 -0.94
C25 4E9 A 5 -1.64 -0.49 -2.10
H5' 4E9 A 5 3.42 1.06 3.95
H5'' 4E9 A 5 5.10 1.56 3.70
H4' 4E9 A 5 4.36 0.25 1.78
H1' 4E9 A 5 2.83 1.06 -0.54
H1 4E9 A 5 -1.68 6.25 0.98
H2' 4E9 A 5 3.36 3.75 0.77
H2'' 4E9 A 5 3.93 3.16 -0.83
H3' 4E9 A 5 5.36 2.91 1.49
H21 4E9 A 5 1.52 6.42 2.06
H22 4E9 A 5 -0.08 7.16 2.01
H10 4E9 A 5 1.12 -0.28 -0.44
H12 4E9 A 5 0.91 -1.84 0.86
H13 4E9 A 5 0.77 -4.06 1.83
H14 4E9 A 5 -0.92 -5.66 1.13
H18 4E9 A 5 -4.71 -6.90 -1.58
H19 4E9 A 5 -6.38 -6.42 -3.27
H20 4E9 A 5 -6.40 -4.22 -4.43
H23 4E9 A 5 -4.79 -2.50 -3.87
H24 4E9 A 5 -3.31 -1.06 -3.29
H25 4E9 A 5 -1.61 0.47 -2.61
O5' 4E9 A 5 4.39 2.05 3.65
C5' 4E9 A 5 4.58 0.65 3.43
C4' 4E9 A 5 4.41 0.26 1.95
O4' 4E9 A 5 3.05 0.43 1.54
C1' 4E9 A 5 3.05 1.03 0.27
N9 4E9 A 5 1.70 1.62 -0.01
C4 4E9 A 5 1.26 2.92 0.23
N3 4E9 A 5 1.96 3.95 0.80
C2 4E9 A 5 1.23 5.02 1.06
N1 4E9 A 5 -0.07 5.16 0.70
C6 4E9 A 5 -0.80 4.19 0.05
C5 4E9 A 5 -0.07 2.97 -0.16
N7 4E9 A 5 -0.46 1.73 -0.64
C8 4E9 A 5 0.58 0.98 -0.49
C2' 4E9 A 5 4.27 1.95 0.29
C3' 4E9 A 5 5.31 1.10 1.01
O3' 4E9 A 5 6.00 0.33 0.03
P 4E9 A 5 4.18 2.66 5.12
OP1 4E9 A 5 4.99 1.87 6.07
OP2 4E9 A 5 4.37 4.12 5.05
O6 4E9 A 5 -1.96 4.46 -0.24
N24 4E9 A 5 1.75 5.96 1.78
N8 4E9 A 5 0.57 -0.38 -0.71
C10 4E9 A 5 -0.49 -1.14 -1.10
C11 4E9 A 5 -0.69 -2.47 -0.56
C12 4E9 A 5 0.19 -3.03 0.38
C13 4E9 A 5 -0.01 -4.31 0.89
C14 4E9 A 5 -1.11 -5.07 0.47
C15 4E9 A 5 -2.02 -4.57 -0.46
C16 4E9 A 5 -3.08 -5.34 -0.86
O27 4E9 A 5 -3.21 -6.46 -0.37
C17 4E9 A 5 -3.98 -4.89 -1.77
C18 4E9 A 5 -5.06 -5.72 -2.14
C19 4E9 A 5 -6.03 -5.29 -3.07
C20 4E9 A 5 -5.90 -4.02 -3.65
C21 4E9 A 5 -4.85 -3.18 -3.29
C22 4E9 A 5 -3.86 -3.57 -2.35
C23 4E9 A 5 -2.75 -2.74 -1.96
C24 4E9 A 5 -2.52 -1.44 -2.46
C26 4E9 A 5 -1.82 -3.26 -1.00
C25 4E9 A 5 -1.42 -0.68 -2.03
H5' 4E9 A 5 3.84 0.09 4.02
H5'' 4E9 A 5 5.57 0.37 3.76
H4' 4E9 A 5 4.67 -0.80 1.82
H1' 4E9 A 5 3.26 0.25 -0.47
H1 4E9 A 5 -0.58 5.94 1.11
H2' 4E9 A 5 4.11 2.83 0.90
H2'' 4E9 A 5 4.59 2.23 -0.71
H3' 4E9 A 5 5.99 1.73 1.58
H21 4E9 A 5 2.59 5.69 2.26
H22 4E9 A 5 1.10 6.61 2.22
H10 4E9 A 5 1.39 -0.87 -0.42
H12 4E9 A 5 1.05 -2.48 0.77
H13 4E9 A 5 0.67 -4.72 1.63
H14 4E9 A 5 -1.22 -6.07 0.90
H18 4E9 A 5 -5.20 -6.71 -1.72
H19 4E9 A 5 -6.86 -5.94 -3.32
H20 4E9 A 5 -6.64 -3.69 -4.37
H23 4E9 A 5 -4.83 -2.22 -3.79
H24 4E9 A 5 -3.18 -1.00 -3.18
H25 4E9 A 5 -1.30 0.30 -2.50
O5' 4E9 A 5 3.52 3.67 3.09
C5' 4E9 A 5 3.97 2.33 2.91
C4' 4E9 A 5 3.86 1.87 1.44
O4' 4E9 A 5 2.49 1.76 1.08
C1' 4E9 A 5 2.33 2.29 -0.21
N9 4E9 A 5 0.88 2.59 -0.45
C4 4E9 A 5 0.19 3.79 -0.29
N3 4E9 A 5 0.70 4.97 0.17
C2 4E9 A 5 -0.22 5.89 0.40
N1 4E9 A 5 -1.54 5.75 0.14
C6 4E9 A 5 -2.08 4.59 -0.40
C5 4E9 A 5 -1.13 3.54 -0.59
N7 4E9 A 5 -1.28 2.21 -0.98
C8 4E9 A 5 -0.11 1.70 -0.82
C2' 4E9 A 5 3.33 3.45 -0.25
C3' 4E9 A 5 4.54 2.83 0.45
O3' 4E9 A 5 5.36 2.22 -0.53
P 4E9 A 5 3.25 4.28 4.56
OP1 4E9 A 5 4.20 3.68 5.52
OP2 4E9 A 5 3.17 5.76 4.44
O6 4E9 A 5 -3.30 4.60 -0.61
N24 4E9 A 5 0.15 6.96 1.03
N8 4E9 A 5 0.15 0.34 -0.94
C10 4E9 A 5 -0.74 -0.64 -1.24
C11 4E9 A 5 -0.68 -1.92 -0.59
C12 4E9 A 5 0.28 -2.21 0.40
C13 4E9 A 5 0.32 -3.46 1.02
C14 4E9 A 5 -0.60 -4.45 0.68
C15 4E9 A 5 -1.59 -4.23 -0.30
C16 4E9 A 5 -2.47 -5.21 -0.61
O27 4E9 A 5 -2.38 -6.30 -0.03
C17 4E9 A 5 -3.44 -5.04 -1.55
C18 4E9 A 5 -4.33 -6.08 -1.84
C19 4E9 A 5 -5.34 -5.94 -2.80
C20 4E9 A 5 -5.47 -4.73 -3.48
C21 4E9 A 5 -4.60 -3.67 -3.21
C22 4E9 A 5 -3.56 -3.77 -2.25
C23 4E9 A 5 -2.64 -2.71 -1.94
C24 4E9 A 5 -2.66 -1.43 -2.55
C26 4E9 A 5 -1.64 -2.95 -0.95
C25 4E9 A 5 -1.73 -0.44 -2.21
H5' 4E9 A 5 3.38 1.66 3.54
H5'' 4E9 A 5 5.01 2.27 3.23
H4' 4E9 A 5 4.32 0.89 1.35
H1' 4E9 A 5 2.67 1.55 -0.93
H1 4E9 A 5 -2.16 6.44 0.53
H2' 4E9 A 5 3.02 4.28 0.35
H2'' 4E9 A 5 3.57 3.75 -1.27
H3' 4E9 A 5 5.10 3.61 0.98
H21 4E9 A 5 1.04 6.89 1.48
H22 4E9 A 5 -0.60 7.51 1.45
H10 4E9 A 5 1.07 0.06 -0.64
H12 4E9 A 5 1.01 -1.47 0.71
H13 4E9 A 5 1.08 -3.66 1.77
H14 4E9 A 5 -0.51 -5.41 1.19
H18 4E9 A 5 -4.27 -7.05 -1.33
H19 4E9 A 5 -6.02 -6.76 -2.99
H20 4E9 A 5 -6.25 -4.61 -4.23
H23 4E9 A 5 -4.77 -2.77 -3.80
H24 4E9 A 5 -3.39 -1.20 -3.31
H25 4E9 A 5 -1.80 0.50 -2.76
O5' 4E9 A 5 3.81 2.47 3.46
C5' 4E9 A 5 4.08 1.07 3.34
C4' 4E9 A 5 3.98 0.61 1.87
O4' 4E9 A 5 2.63 0.70 1.44
C1' 4E9 A 5 2.62 1.23 0.14
N9 4E9 A 5 1.25 1.76 -0.19
C4 4E9 A 5 0.74 3.04 -0.01
N3 4E9 A 5 1.39 4.12 0.50
C2 4E9 A 5 0.60 5.16 0.73
N1 4E9 A 5 -0.70 5.22 0.38
C6 4E9 A 5 -1.39 4.20 -0.22
C5 4E9 A 5 -0.59 3.01 -0.39
N7 4E9 A 5 -0.93 1.73 -0.83
C8 4E9 A 5 0.16 1.04 -0.62
C2' 4E9 A 5 3.80 2.20 0.13
C3' 4E9 A 5 4.85 1.44 0.93
O3' 4E9 A 5 5.67 0.68 0.03
P 4E9 A 5 3.58 3.17 4.89
OP1 4E9 A 5 4.42 2.50 5.91
OP2 4E9 A 5 3.70 4.63 4.69
O6 4E9 A 5 -2.57 4.40 -0.52
N24 4E9 A 5 1.08 6.17 1.40
N8 4E9 A 5 0.22 -0.33 -0.77
C10 4E9 A 5 -0.77 -1.18 -1.14
C11 4E9 A 5 -0.88 -2.50 -0.55
C12 4E9 A 5 0.02 -2.93 0.44
C13 4E9 A 5 -0.10 -4.20 0.99
C14 4E9 A 5 -1.11 -5.07 0.58
C15 4E9 A 5 -2.05 -4.68 -0.40
C16 4E9 A 5 -3.03 -5.55 -0.78
O27 4E9 A 5 -3.09 -6.65 -0.24
C17 4E9 A 5 -3.95 -5.20 -1.72
C18 4E9 A 5 -4.95 -6.13 -2.07
C19 4E9 A 5 -5.91 -5.82 -3.04
C20 4E9 A 5 -5.89 -4.58 -3.67
C21 4E9 A 5 -4.91 -3.63 -3.34
C22 4E9 A 5 -3.91 -3.92 -2.36
C23 4E9 A 5 -2.88 -2.98 -1.98
C24 4E9 A 5 -2.74 -1.69 -2.52
C26 4E9 A 5 -1.93 -3.38 -0.98
C25 4E9 A 5 -1.71 -0.83 -2.12
H5' 4E9 A 5 3.37 0.51 3.94
H5'' 4E9 A 5 5.08 0.87 3.72
H4' 4E9 A 5 4.28 -0.44 1.81
H1' 4E9 A 5 2.86 0.42 -0.56
H1 4E9 A 5 -1.25 6.01 0.75
H2' 4E9 A 5 3.59 3.11 0.67
H2'' 4E9 A 5 4.14 2.42 -0.89
H3' 4E9 A 5 5.48 2.15 1.49
H21 4E9 A 5 1.93 5.96 1.90
H22 4E9 A 5 0.40 6.82 1.80
H10 4E9 A 5 1.08 -0.75 -0.45
H12 4E9 A 5 0.82 -2.31 0.81
H13 4E9 A 5 0.60 -4.53 1.76
H14 4E9 A 5 -1.16 -6.05 1.05
H18 4E9 A 5 -5.02 -7.11 -1.61
H19 4E9 A 5 -6.69 -6.54 -3.29
H20 4E9 A 5 -6.62 -4.34 -4.43
H23 4E9 A 5 -4.95 -2.70 -3.87
H24 4E9 A 5 -3.41 -1.32 -3.29
H25 4E9 A 5 -1.65 0.14 -2.62
O5' 4E9 A 5 3.78 2.89 3.82
C5' 4E9 A 5 4.07 1.50 3.66
C4' 4E9 A 5 4.06 1.06 2.18
O4' 4E9 A 5 2.72 1.13 1.68
C1' 4E9 A 5 2.75 1.74 0.40
N9 4E9 A 5 1.38 2.25 0.05
C4 4E9 A 5 0.86 3.51 0.20
N3 4E9 A 5 1.47 4.62 0.74
C2 4E9 A 5 0.66 5.65 0.92
N1 4E9 A 5 -0.63 5.70 0.52
C6 4E9 A 5 -1.27 4.64 -0.12
C5 4E9 A 5 -0.45 3.47 -0.24
N7 4E9 A 5 -0.76 2.18 -0.68
C8 4E9 A 5 0.32 1.51 -0.43
C2' 4E9 A 5 3.91 2.74 0.52
C3' 4E9 A 5 4.95 1.94 1.29
O3' 4E9 A 5 5.74 1.23 0.34
P 4E9 A 5 3.46 3.53 5.25
OP1 4E9 A 5 4.24 2.81 6.29
OP2 4E9 A 5 3.56 5.00 5.14
O6 4E9 A 5 -2.44 4.82 -0.46
N24 4E9 A 5 1.11 6.65 1.62
N8 4E9 A 5 0.41 0.14 -0.58
C10 4E9 A 5 -0.58 -0.71 -0.99
C11 4E9 A 5 -0.73 -2.02 -0.40
C12 4E9 A 5 0.11 -2.46 0.63
C13 4E9 A 5 -0.05 -3.73 1.19
C14 4E9 A 5 -1.07 -4.58 0.75
C15 4E9 A 5 -1.93 -4.20 -0.29
C16 4E9 A 5 -2.92 -5.04 -0.71
O27 4E9 A 5 -3.01 -6.16 -0.17
C17 4E9 A 5 -3.78 -4.71 -1.70
C18 4E9 A 5 -4.77 -5.62 -2.10
C19 4E9 A 5 -5.69 -5.30 -3.11
C20 4E9 A 5 -5.61 -4.06 -3.75
C21 4E9 A 5 -4.64 -3.14 -3.36
C22 4E9 A 5 -3.70 -3.41 -2.34
C23 4E9 A 5 -2.67 -2.49 -1.92
C24 4E9 A 5 -2.49 -1.21 -2.47
C26 4E9 A 5 -1.79 -2.89 -0.87
C25 4E9 A 5 -1.46 -0.35 -2.01
H5' 4E9 A 5 3.32 0.91 4.20
H5'' 4E9 A 5 5.05 1.29 4.09
H4' 4E9 A 5 4.39 0.03 2.11
H1' 4E9 A 5 3.05 0.99 -0.33
H1 4E9 A 5 -1.19 6.46 0.88
H2' 4E9 A 5 3.65 3.59 1.13
H2'' 4E9 A 5 4.26 3.05 -0.46
H3' 4E9 A 5 5.57 2.61 1.88
H21 4E9 A 5 1.94 6.46 2.14
H22 4E9 A 5 0.40 7.29 1.98
H10 4E9 A 5 1.25 -0.28 -0.22
H12 4E9 A 5 0.90 -1.84 1.04
H13 4E9 A 5 0.61 -4.05 1.99
H14 4E9 A 5 -1.14 -5.56 1.22
H18 4E9 A 5 -4.88 -6.59 -1.62
H19 4E9 A 5 -6.46 -6.02 -3.39
H20 4E9 A 5 -6.32 -3.82 -4.54
H23 4E9 A 5 -4.65 -2.20 -3.91
H24 4E9 A 5 -3.12 -0.84 -3.27
H25 4E9 A 5 -1.38 0.61 -2.52
O5' 4E9 A 5 4.00 2.73 3.02
C5' 4E9 A 5 4.27 1.34 2.80
C4' 4E9 A 5 4.08 0.95 1.32
O4' 4E9 A 5 2.69 1.03 0.98
C1' 4E9 A 5 2.58 1.61 -0.30
N9 4E9 A 5 1.18 2.11 -0.51
C4 4E9 A 5 0.65 3.37 -0.24
N3 4E9 A 5 1.29 4.43 0.32
C2 4E9 A 5 0.49 5.45 0.61
N1 4E9 A 5 -0.83 5.48 0.34
C6 4E9 A 5 -1.51 4.46 -0.29
C5 4E9 A 5 -0.69 3.31 -0.56
N7 4E9 A 5 -1.02 2.03 -1.02
C8 4E9 A 5 0.09 1.37 -0.91
C2' 4E9 A 5 3.74 2.62 -0.34
C3' 4E9 A 5 4.87 1.84 0.35
O3' 4E9 A 5 5.60 1.13 -0.65
P 4E9 A 5 3.82 3.33 4.51
OP1 4E9 A 5 4.74 2.63 5.43
OP2 4E9 A 5 3.87 4.80 4.42
O6 4E9 A 5 -2.71 4.64 -0.51
N24 4E9 A 5 0.98 6.44 1.30
N8 4E9 A 5 0.17 0.01 -1.13
C10 4E9 A 5 -0.85 -0.82 -1.47
C11 4E9 A 5 -0.97 -2.12 -0.88
C12 4E9 A 5 -0.04 -2.59 0.07
C13 4E9 A 5 -0.17 -3.86 0.64
C14 4E9 A 5 -1.23 -4.70 0.26
C15 4E9 A 5 -2.19 -4.29 -0.68
C16 4E9 A 5 -3.20 -5.11 -1.03
O27 4E9 A 5 -3.27 -6.24 -0.51
C17 4E9 A 5 -4.14 -4.76 -1.94
C18 4E9 A 5 -5.18 -5.65 -2.25
C19 4E9 A 5 -6.17 -5.32 -3.18
C20 4E9 A 5 -6.14 -4.07 -3.81
C21 4E9 A 5 -5.12 -3.16 -3.51
C22 4E9 A 5 -4.10 -3.46 -2.57
C23 4E9 A 5 -3.03 -2.55 -2.23
C24 4E9 A 5 -2.87 -1.27 -2.77
C26 4E9 A 5 -2.05 -2.98 -1.26
C25 4E9 A 5 -1.81 -0.43 -2.40
H5' 4E9 A 5 3.61 0.73 3.41
H5'' 4E9 A 5 5.31 1.14 3.09
H4' 4E9 A 5 4.39 -0.09 1.18
H1' 4E9 A 5 2.81 0.84 -1.05
H1 4E9 A 5 -1.37 6.21 0.77
H2' 4E9 A 5 3.54 3.49 0.28
H2'' 4E9 A 5 4.00 2.90 -1.35
H3' 4E9 A 5 5.52 2.52 0.89
H21 4E9 A 5 1.86 6.22 1.73
H22 4E9 A 5 0.31 7.04 1.78
H10 4E9 A 5 1.05 -0.40 -0.88
H12 4E9 A 5 0.79 -1.98 0.41
H13 4E9 A 5 0.56 -4.20 1.37
H14 4E9 A 5 -1.26 -5.68 0.73
H18 4E9 A 5 -5.26 -6.63 -1.79
H19 4E9 A 5 -6.97 -6.02 -3.39
H20 4E9 A 5 -6.90 -3.82 -4.54
H23 4E9 A 5 -5.16 -2.21 -4.05
H24 4E9 A 5 -3.56 -0.89 -3.52
H25 4E9 A 5 -1.75 0.53 -2.91
O5' 4E9 A 5 4.10 1.94 4.11
C5' 4E9 A 5 4.36 0.58 3.81
C4' 4E9 A 5 4.29 0.28 2.30
O4' 4E9 A 5 2.94 0.42 1.84
C1' 4E9 A 5 2.96 1.13 0.62
N9 4E9 A 5 1.59 1.69 0.36
C4 4E9 A 5 1.09 2.95 0.62
N3 4E9 A 5 1.74 3.97 1.25
C2 4E9 A 5 0.95 5.01 1.55
N1 4E9 A 5 -0.34 5.11 1.19
C6 4E9 A 5 -1.03 4.13 0.50
C5 4E9 A 5 -0.23 2.96 0.23
N7 4E9 A 5 -0.58 1.72 -0.32
C8 4E9 A 5 0.50 1.01 -0.16
C2' 4E9 A 5 4.14 2.09 0.77
C3' 4E9 A 5 5.18 1.21 1.46
O3' 4E9 A 5 5.95 0.56 0.45
P 4E9 A 5 3.84 2.46 5.61
OP1 4E9 A 5 4.62 1.64 6.56
OP2 4E9 A 5 3.98 3.93 5.64
O6 4E9 A 5 -2.20 4.36 0.21
N24 4E9 A 5 1.43 5.93 2.32
N8 4E9 A 5 0.55 -0.34 -0.43
C10 4E9 A 5 -0.47 -1.13 -0.88
C11 4E9 A 5 -0.65 -2.47 -0.37
C12 4E9 A 5 0.20 -3.01 0.61
C13 4E9 A 5 0.01 -4.30 1.10
C14 4E9 A 5 -1.03 -5.10 0.60
C15 4E9 A 5 -1.91 -4.61 -0.38
C16 4E9 A 5 -2.91 -5.40 -0.84
O27 4E9 A 5 -3.04 -6.55 -0.38
C17 4E9 A 5 -3.79 -4.97 -1.80
C18 4E9 A 5 -4.82 -5.83 -2.24
C19 4E9 A 5 -5.74 -5.43 -3.21
C20 4E9 A 5 -5.64 -4.14 -3.75
C21 4E9 A 5 -4.63 -3.26 -3.33
C22 4E9 A 5 -3.68 -3.64 -2.35
C23 4E9 A 5 -2.62 -2.78 -1.88
C24 4E9 A 5 -2.41 -1.47 -2.34
C26 4E9 A 5 -1.72 -3.29 -0.88
C25 4E9 A 5 -1.36 -0.67 -1.85
H5' 4E9 A 5 3.62 -0.05 4.32
H5'' 4E9 A 5 5.35 0.32 4.18
H4' 4E9 A 5 4.60 -0.75 2.12
H1' 4E9 A 5 3.22 0.43 -0.17
H1 4E9 A 5 -0.88 5.85 1.63
H2' 4E9 A 5 3.91 2.90 1.46
H2'' 4E9 A 5 4.48 2.46 -0.19
H3' 4E9 A 5 5.81 1.83 2.10
H21 4E9 A 5 2.28 5.67 2.80
H22 4E9 A 5 0.75 6.54 2.76
H10 4E9 A 5 1.38 -0.80 -0.12
H12 4E9 A 5 1.02 -2.43 1.05
H13 4E9 A 5 0.68 -4.70 1.86
H14 4E9 A 5 -1.12 -6.10 1.01
H18 4E9 A 5 -4.93 -6.83 -1.84
H19 4E9 A 5 -6.53 -6.10 -3.52
H20 4E9 A 5 -6.34 -3.83 -4.52
H23 4E9 A 5 -4.62 -2.29 -3.81
H24 4E9 A 5 -3.04 -1.02 -3.11
H25 4E9 A 5 -1.24 0.32 -2.29
O5' 4E9 A 5 3.81 2.24 4.11
C5' 4E9 A 5 4.15 0.90 3.75
C4' 4E9 A 5 4.05 0.62 2.23
O4' 4E9 A 5 2.68 0.81 1.92
C1' 4E9 A 5 2.61 1.34 0.63
N9 4E9 A 5 1.25 1.86 0.32
C4 4E9 A 5 0.73 3.14 0.53
N3 4E9 A 5 1.34 4.19 1.14
C2 4E9 A 5 0.54 5.23 1.32
N1 4E9 A 5 -0.77 5.27 0.96
C6 4E9 A 5 -1.42 4.26 0.29
C5 4E9 A 5 -0.58 3.09 0.09
N7 4E9 A 5 -0.90 1.81 -0.38
C8 4E9 A 5 0.20 1.14 -0.19
C2' 4E9 A 5 3.81 2.29 0.54
C3' 4E9 A 5 4.87 1.58 1.38
O3' 4E9 A 5 5.84 0.96 0.55
P 4E9 A 5 3.48 2.68 5.64
OP1 4E9 A 5 4.21 1.78 6.57
OP2 4E9 A 5 3.66 4.14 5.78
O6 4E9 A 5 -2.60 4.41 -0.01
N24 4E9 A 5 0.97 6.29 1.93
N8 4E9 A 5 0.33 -0.22 -0.40
C10 4E9 A 5 -0.62 -1.08 -0.85
C11 4E9 A 5 -0.70 -2.42 -0.31
C12 4E9 A 5 0.17 -2.88 0.69
C13 4E9 A 5 0.07 -4.18 1.20
C14 4E9 A 5 -0.92 -5.05 0.72
C15 4E9 A 5 -1.81 -4.66 -0.28
C16 4E9 A 5 -2.77 -5.52 -0.75
O27 4E9 A 5 -2.82 -6.66 -0.27
C17 4E9 A 5 -3.65 -5.17 -1.71
C18 4E9 A 5 -4.60 -6.12 -2.15
C19 4E9 A 5 -5.52 -5.79 -3.14
C20 4E9 A 5 -5.50 -4.52 -3.73
C21 4E9 A 5 -4.56 -3.57 -3.30
C22 4E9 A 5 -3.60 -3.86 -2.29
C23 4E9 A 5 -2.61 -2.91 -1.83
C24 4E9 A 5 -2.48 -1.60 -2.32
C26 4E9 A 5 -1.71 -3.33 -0.81
C25 4E9 A 5 -1.51 -0.70 -1.85
H5' 4E9 A 5 3.46 0.20 4.24
H5'' 4E9 A 5 5.16 0.69 4.08
H4' 4E9 A 5 4.31 -0.42 2.04
H1' 4E9 A 5 2.79 0.49 -0.02
H1 4E9 A 5 -1.36 5.99 1.35
H2' 4E9 A 5 3.60 3.25 1.01
H2'' 4E9 A 5 4.13 2.42 -0.50
H3' 4E9 A 5 5.33 2.34 2.01
H21 4E9 A 5 1.91 6.28 2.30
H22 4E9 A 5 0.29 6.97 2.26
H10 4E9 A 5 1.20 -0.63 -0.06
H12 4E9 A 5 0.94 -2.24 1.12
H13 4E9 A 5 0.75 -4.51 1.98
H14 4E9 A 5 -0.96 -6.05 1.15
H18 4E9 A 5 -4.66 -7.12 -1.73
H19 4E9 A 5 -6.25 -6.52 -3.46
H20 4E9 A 5 -6.21 -4.28 -4.51
H23 4E9 A 5 -4.61 -2.61 -3.80
H24 4E9 A 5 -3.14 -1.23 -3.09
H25 4E9 A 5 -1.46 0.29 -2.32
O5' 4E9 A 5 4.25 3.32 2.89
C5' 4E9 A 5 4.64 1.98 2.65
C4' 4E9 A 5 4.41 1.55 1.18
O4' 4E9 A 5 3.01 1.49 0.89
C1' 4E9 A 5 2.80 2.05 -0.38
N9 4E9 A 5 1.35 2.41 -0.53
C4 4E9 A 5 0.73 3.63 -0.30
N3 4E9 A 5 1.31 4.78 0.15
C2 4E9 A 5 0.44 5.74 0.44
N1 4E9 A 5 -0.89 5.65 0.24
C6 4E9 A 5 -1.52 4.55 -0.30
C5 4E9 A 5 -0.61 3.44 -0.55
N7 4E9 A 5 -0.86 2.14 -0.95
C8 4E9 A 5 0.31 1.58 -0.86
C2' 4E9 A 5 3.85 3.16 -0.46
C3' 4E9 A 5 5.07 2.51 0.17
O3' 4E9 A 5 5.82 1.86 -0.85
P 4E9 A 5 4.09 3.92 4.39
OP1 4E9 A 5 5.07 3.25 5.27
OP2 4E9 A 5 4.09 5.39 4.30
O6 4E9 A 5 -2.73 4.62 -0.49
N24 4E9 A 5 0.88 6.79 1.06
N8 4E9 A 5 0.51 0.21 -1.01
C10 4E9 A 5 -0.44 -0.73 -1.26
C11 4E9 A 5 -0.38 -2.03 -0.63
C12 4E9 A 5 0.64 -2.37 0.27
C13 4E9 A 5 0.69 -3.64 0.86
C14 4E9 A 5 -0.28 -4.60 0.57
C15 4E9 A 5 -1.34 -4.32 -0.32
C16 4E9 A 5 -2.28 -5.26 -0.58
O27 4E9 A 5 -2.19 -6.36 -0.03
C17 4E9 A 5 -3.30 -5.03 -1.43
C18 4E9 A 5 -4.25 -6.05 -1.67
C19 4E9 A 5 -5.33 -5.86 -2.54
C20 4E9 A 5 -5.47 -4.63 -3.19
C21 4E9 A 5 -4.54 -3.59 -2.98
C22 4E9 A 5 -3.44 -3.76 -2.11
C23 4E9 A 5 -2.46 -2.73 -1.84
C24 4E9 A 5 -2.48 -1.45 -2.43
C26 4E9 A 5 -1.39 -3.02 -0.94
C25 4E9 A 5 -1.50 -0.48 -2.14
H5' 4E9 A 5 4.06 1.31 3.29
H5'' 4E9 A 5 5.69 1.86 2.90
H4' 4E9 A 5 4.83 0.55 1.03
H1' 4E9 A 5 3.06 1.30 -1.12
H1 4E9 A 5 -1.47 6.37 0.67
H2' 4E9 A 5 3.60 4.02 0.15
H2'' 4E9 A 5 4.04 3.46 -1.50
H3' 4E9 A 5 5.67 3.26 0.68
H21 4E9 A 5 1.81 6.68 1.45
H22 4E9 A 5 0.18 7.36 1.53
H10 4E9 A 5 1.42 -0.11 -0.78
H12 4E9 A 5 1.42 -1.66 0.54
H13 4E9 A 5 1.49 -3.87 1.55
H14 4E9 A 5 -0.19 -5.56 1.07
H18 4E9 A 5 -4.19 -7.01 -1.18
H19 4E9 A 5 -6.05 -6.64 -2.70
H20 4E9 A 5 -6.30 -4.47 -3.88
H23 4E9 A 5 -4.73 -2.68 -3.53
H24 4E9 A 5 -3.26 -1.17 -3.13
H25 4E9 A 5 -1.58 0.46 -2.67
O5' 4E9 A 5 3.46 3.30 3.02
C5' 4E9 A 5 3.84 1.95 2.84
C4' 4E9 A 5 3.74 1.49 1.37
O4' 4E9 A 5 2.37 1.50 0.95
C1' 4E9 A 5 2.30 2.06 -0.33
N9 4E9 A 5 0.89 2.48 -0.62
C4 4E9 A 5 0.29 3.72 -0.42
N3 4E9 A 5 0.86 4.82 0.15
C2 4E9 A 5 -0.01 5.80 0.38
N1 4E9 A 5 -1.32 5.77 0.04
C6 4E9 A 5 -1.91 4.70 -0.59
C5 4E9 A 5 -1.03 3.58 -0.79
N7 4E9 A 5 -1.27 2.29 -1.24
C8 4E9 A 5 -0.13 1.68 -1.06
C2' 4E9 A 5 3.42 3.12 -0.34
C3' 4E9 A 5 4.53 2.40 0.40
O3' 4E9 A 5 5.33 1.70 -0.55
P 4E9 A 5 3.17 3.93 4.48
OP1 4E9 A 5 4.08 3.29 5.46
OP2 4E9 A 5 3.15 5.41 4.35
O6 4E9 A 5 -3.10 4.81 -0.87
N24 4E9 A 5 0.40 6.82 1.08
N8 4E9 A 5 0.02 0.32 -1.21
C10 4E9 A 5 -0.93 -0.58 -1.56
C11 4E9 A 5 -1.00 -1.88 -0.91
C12 4E9 A 5 -0.10 -2.25 0.10
C13 4E9 A 5 -0.18 -3.50 0.70
C14 4E9 A 5 -1.15 -4.43 0.30
C15 4E9 A 5 -2.08 -4.11 -0.70
C16 4E9 A 5 -3.02 -5.02 -1.07
O27 4E9 A 5 -3.05 -6.12 -0.51
C17 4E9 A 5 -3.94 -4.75 -2.05
C18 4E9 A 5 -4.89 -5.73 -2.38
C19 4E9 A 5 -5.85 -5.50 -3.37
C20 4E9 A 5 -5.86 -4.28 -4.05
C21 4E9 A 5 -4.92 -3.28 -3.73
C22 4E9 A 5 -3.94 -3.49 -2.73
C23 4E9 A 5 -2.95 -2.50 -2.36
C24 4E9 A 5 -2.85 -1.22 -2.95
C26 4E9 A 5 -2.01 -2.82 -1.33
C25 4E9 A 5 -1.87 -0.30 -2.56
H5' 4E9 A 5 3.19 1.31 3.44
H5'' 4E9 A 5 4.86 1.81 3.19
H4' 4E9 A 5 4.11 0.48 1.27
H1' 4E9 A 5 2.60 1.29 -1.05
H1 4E9 A 5 -1.91 6.49 0.43
H2' 4E9 A 5 3.15 3.99 0.24
H2'' 4E9 A 5 3.71 3.39 -1.36
H3' 4E9 A 5 5.15 3.12 0.95
H21 4E9 A 5 1.26 6.65 1.58
H22 4E9 A 5 -0.33 7.40 1.50
H10 4E9 A 5 0.90 -0.04 -0.88
H12 4E9 A 5 0.67 -1.57 0.46
H13 4E9 A 5 0.52 -3.77 1.48
H14 4E9 A 5 -1.16 -5.39 0.81
H18 4E9 A 5 -4.92 -6.70 -1.89
H19 4E9 A 5 -6.58 -6.26 -3.61
H20 4E9 A 5 -6.59 -4.09 -4.82
H23 4E9 A 5 -5.00 -2.36 -4.30
H24 4E9 A 5 -3.53 -0.91 -3.75
H25 4E9 A 5 -1.84 0.65 -3.09
#